data_5CCE
#
_entry.id   5CCE
#
_cell.length_a   83.189
_cell.length_b   83.189
_cell.length_c   67.633
_cell.angle_alpha   90.00
_cell.angle_beta   90.00
_cell.angle_gamma   120.00
#
_symmetry.space_group_name_H-M   'P 32 2 1'
#
loop_
_entity.id
_entity.type
_entity.pdbx_description
1 polymer "5'-Methylthioadenosine Nucleosidase"
2 non-polymer S-ribosylhomocysteine
3 non-polymer ADENINE
4 non-polymer deuterium(1+)
5 water water
#
_entity_poly.entity_id   1
_entity_poly.type   'polypeptide(L)'
_entity_poly.pdbx_seq_one_letter_code
;GQKIGILGAMREEITPILELFGVDFEEIPLGGNVFHKGVYHNKEIIVAYSKIGKVHSTLTTTSMILAFGVQKVLFSGVAG
SLVKDLKINDLLVATQLVQHDVDLSAFDHPLGFIPESAIFIETSGSLNALAKKIANEQHIALKEGVIASGDQFVHSKERK
EFLVSEFKASAVEMEGASVAFVCQKFGVPCCVLRSISDNADEKAGMSFDEFLEKSAHTSAKFLKSMVDEL
;
_entity_poly.pdbx_strand_id   A
#
loop_
_chem_comp.id
_chem_comp.type
_chem_comp.name
_chem_comp.formula
2WP D-saccharide, alpha linking S-ribosylhomocysteine 'C9 H17 N O6 S'
ADE non-polymer ADENINE 'C5 H5 N5'
D8U non-polymer deuterium(1+) 'D 1'
#
# COMPACT_ATOMS: atom_id res chain seq x y z
N GLY A 1 -15.61 -9.05 -15.34
CA GLY A 1 -16.88 -8.26 -15.16
C GLY A 1 -16.77 -7.14 -14.14
N GLN A 2 -15.88 -7.33 -13.17
CA GLN A 2 -15.69 -6.37 -12.09
C GLN A 2 -14.82 -5.16 -12.45
N LYS A 3 -14.84 -4.19 -11.55
CA LYS A 3 -14.03 -2.97 -11.66
C LYS A 3 -12.97 -3.04 -10.56
N ILE A 4 -11.69 -3.06 -10.95
CA ILE A 4 -10.61 -3.12 -9.98
C ILE A 4 -9.77 -1.84 -10.00
N GLY A 5 -9.49 -1.32 -8.80
CA GLY A 5 -8.67 -0.13 -8.71
C GLY A 5 -7.28 -0.53 -8.29
N ILE A 6 -6.26 0.03 -8.92
CA ILE A 6 -4.88 -0.29 -8.60
C ILE A 6 -4.17 1.01 -8.30
N LEU A 7 -3.53 1.08 -7.15
CA LEU A 7 -2.88 2.32 -6.73
C LEU A 7 -1.43 2.19 -6.40
N GLY A 8 -0.71 3.29 -6.64
CA GLY A 8 0.68 3.38 -6.27
C GLY A 8 0.80 4.78 -5.70
N ALA A 9 1.88 5.08 -4.99
CA ALA A 9 2.05 6.43 -4.43
C ALA A 9 2.85 7.34 -5.38
N MET A 10 3.85 6.76 -6.03
CA MET A 10 4.72 7.51 -6.96
C MET A 10 4.60 6.98 -8.38
N ARG A 11 4.87 7.85 -9.35
CA ARG A 11 4.79 7.47 -10.75
C ARG A 11 5.64 6.23 -10.97
N GLU A 12 6.78 6.18 -10.32
CA GLU A 12 7.69 5.05 -10.45
C GLU A 12 7.07 3.74 -10.00
N GLU A 13 6.16 3.81 -9.03
CA GLU A 13 5.54 2.60 -8.53
C GLU A 13 4.46 2.07 -9.46
N ILE A 14 3.92 2.92 -10.33
CA ILE A 14 2.87 2.45 -11.24
C ILE A 14 3.29 2.24 -12.69
N THR A 15 4.46 2.76 -13.06
CA THR A 15 4.92 2.59 -14.45
C THR A 15 5.04 1.11 -14.85
N PRO A 16 5.63 0.26 -13.98
CA PRO A 16 5.73 -1.17 -14.29
C PRO A 16 4.38 -1.88 -14.41
N ILE A 17 3.37 -1.35 -13.71
CA ILE A 17 2.05 -1.96 -13.74
C ILE A 17 1.40 -1.73 -15.08
N LEU A 18 1.49 -0.50 -15.57
CA LEU A 18 0.94 -0.17 -16.88
C LEU A 18 1.65 -1.03 -17.94
N GLU A 19 2.96 -1.22 -17.78
CA GLU A 19 3.73 -2.03 -18.71
C GLU A 19 3.27 -3.49 -18.65
N LEU A 20 3.41 -4.08 -17.46
CA LEU A 20 3.03 -5.47 -17.24
C LEU A 20 1.67 -5.83 -17.81
N PHE A 21 0.69 -4.94 -17.66
CA PHE A 21 -0.66 -5.19 -18.20
C PHE A 21 -0.66 -5.10 -19.72
N GLY A 22 0.25 -4.27 -20.23
CA GLY A 22 0.42 -4.10 -21.66
C GLY A 22 -0.72 -3.60 -22.53
N VAL A 23 -1.91 -3.42 -21.96
CA VAL A 23 -3.05 -2.95 -22.76
C VAL A 23 -3.05 -1.44 -22.99
N ASP A 24 -4.06 -0.97 -23.73
CA ASP A 24 -4.22 0.45 -24.05
C ASP A 24 -4.98 1.11 -22.91
N PHE A 25 -4.50 2.28 -22.51
CA PHE A 25 -5.12 2.99 -21.40
C PHE A 25 -5.59 4.39 -21.74
N GLU A 26 -6.85 4.65 -21.45
CA GLU A 26 -7.43 5.96 -21.64
C GLU A 26 -7.16 6.78 -20.37
N GLU A 27 -6.61 7.98 -20.53
CA GLU A 27 -6.27 8.83 -19.39
C GLU A 27 -7.35 9.85 -19.02
N ILE A 28 -7.88 9.72 -17.80
CA ILE A 28 -8.89 10.64 -17.30
C ILE A 28 -8.32 11.46 -16.13
N PRO A 29 -8.27 12.80 -16.28
CA PRO A 29 -7.75 13.64 -15.20
C PRO A 29 -8.86 14.09 -14.24
N LEU A 30 -8.62 13.93 -12.94
CA LEU A 30 -9.60 14.33 -11.94
C LEU A 30 -8.97 14.66 -10.59
N GLY A 31 -9.34 15.80 -10.03
CA GLY A 31 -8.82 16.19 -8.73
C GLY A 31 -7.31 16.20 -8.58
N GLY A 32 -6.60 16.54 -9.65
CA GLY A 32 -5.16 16.59 -9.59
C GLY A 32 -4.48 15.26 -9.87
N ASN A 33 -5.28 14.22 -10.15
CA ASN A 33 -4.73 12.91 -10.45
C ASN A 33 -5.08 12.52 -11.87
N VAL A 34 -4.31 11.60 -12.42
CA VAL A 34 -4.56 11.08 -13.76
C VAL A 34 -4.83 9.59 -13.62
N PHE A 35 -6.06 9.19 -13.89
CA PHE A 35 -6.47 7.79 -13.81
C PHE A 35 -6.35 7.12 -15.19
N HIS A 36 -5.73 5.94 -15.20
CA HIS A 36 -5.53 5.14 -16.41
C HIS A 36 -6.55 4.01 -16.45
N LYS A 37 -7.63 4.22 -17.21
CA LYS A 37 -8.73 3.26 -17.34
C LYS A 37 -8.60 2.42 -18.60
N GLY A 38 -8.68 1.10 -18.45
CA GLY A 38 -8.54 0.21 -19.59
C GLY A 38 -9.18 -1.15 -19.34
N VAL A 39 -9.32 -1.93 -20.40
CA VAL A 39 -9.91 -3.25 -20.30
C VAL A 39 -8.83 -4.31 -20.30
N TYR A 40 -9.02 -5.34 -19.50
CA TYR A 40 -8.03 -6.42 -19.40
C TYR A 40 -8.68 -7.74 -19.00
N HIS A 41 -8.59 -8.74 -19.88
CA HIS A 41 -9.16 -10.04 -19.62
C HIS A 41 -10.57 -9.92 -19.02
N ASN A 42 -11.39 -9.09 -19.67
CA ASN A 42 -12.78 -8.86 -19.28
C ASN A 42 -12.98 -8.06 -18.00
N LYS A 43 -11.89 -7.60 -17.41
CA LYS A 43 -11.96 -6.81 -16.19
C LYS A 43 -11.54 -5.37 -16.45
N GLU A 44 -12.31 -4.42 -15.91
CA GLU A 44 -12.00 -3.01 -16.08
C GLU A 44 -11.04 -2.57 -14.97
N ILE A 45 -9.84 -2.13 -15.38
CA ILE A 45 -8.82 -1.71 -14.43
C ILE A 45 -8.53 -0.21 -14.49
N ILE A 46 -8.56 0.43 -13.32
CA ILE A 46 -8.30 1.86 -13.18
C ILE A 46 -7.01 1.96 -12.37
N VAL A 47 -5.97 2.56 -12.97
CA VAL A 47 -4.68 2.67 -12.31
C VAL A 47 -4.28 4.12 -12.10
N ALA A 48 -3.57 4.38 -11.01
CA ALA A 48 -3.11 5.73 -10.75
C ALA A 48 -2.09 5.79 -9.63
N TYR A 49 -1.33 6.90 -9.58
CA TYR A 49 -0.43 7.08 -8.46
C TYR A 49 -1.06 8.24 -7.67
N SER A 50 -1.18 8.10 -6.36
CA SER A 50 -1.84 9.14 -5.57
C SER A 50 -1.02 10.40 -5.30
N LYS A 51 0.28 10.18 -5.17
CA LYS A 51 1.24 11.20 -4.76
C LYS A 51 1.44 10.85 -3.28
N ILE A 52 2.55 11.30 -2.73
CA ILE A 52 2.93 10.93 -1.39
C ILE A 52 2.14 11.44 -0.20
N GLY A 53 1.91 10.58 0.79
CA GLY A 53 1.21 11.02 1.97
C GLY A 53 -0.23 10.65 2.18
N LYS A 54 -0.68 10.89 3.42
CA LYS A 54 -2.04 10.58 3.84
C LYS A 54 -3.10 11.38 3.12
N VAL A 55 -2.93 12.69 3.04
CA VAL A 55 -3.93 13.52 2.37
C VAL A 55 -4.06 13.13 0.91
N HIS A 56 -2.92 13.05 0.23
CA HIS A 56 -2.89 12.67 -1.18
C HIS A 56 -3.57 11.31 -1.40
N SER A 57 -3.14 10.30 -0.66
CA SER A 57 -3.68 8.95 -0.83
C SER A 57 -5.16 8.83 -0.48
N THR A 58 -5.63 9.57 0.53
CA THR A 58 -7.05 9.56 0.91
C THR A 58 -7.91 10.13 -0.22
N LEU A 59 -7.46 11.23 -0.78
CA LEU A 59 -8.19 11.90 -1.84
C LEU A 59 -8.32 11.00 -3.07
N THR A 60 -7.21 10.43 -3.50
CA THR A 60 -7.19 9.56 -4.67
C THR A 60 -8.09 8.33 -4.49
N THR A 61 -7.97 7.69 -3.33
CA THR A 61 -8.78 6.51 -3.03
C THR A 61 -10.26 6.83 -3.02
N THR A 62 -10.63 7.95 -2.41
CA THR A 62 -12.03 8.35 -2.36
C THR A 62 -12.55 8.62 -3.77
N SER A 63 -11.74 9.30 -4.59
CA SER A 63 -12.11 9.59 -5.99
C SER A 63 -12.28 8.31 -6.83
N MET A 64 -11.43 7.33 -6.59
CA MET A 64 -11.46 6.08 -7.32
C MET A 64 -12.74 5.32 -7.01
N ILE A 65 -13.20 5.45 -5.76
CA ILE A 65 -14.40 4.76 -5.34
C ILE A 65 -15.68 5.48 -5.77
N LEU A 66 -15.75 6.78 -5.50
CA LEU A 66 -16.93 7.58 -5.85
C LEU A 66 -17.11 7.93 -7.32
N ALA A 67 -16.01 8.11 -8.05
CA ALA A 67 -16.12 8.48 -9.46
C ALA A 67 -16.06 7.29 -10.43
N PHE A 68 -15.32 6.25 -10.06
CA PHE A 68 -15.16 5.08 -10.92
C PHE A 68 -15.88 3.82 -10.47
N GLY A 69 -16.39 3.83 -9.24
CA GLY A 69 -17.11 2.67 -8.74
C GLY A 69 -16.29 1.40 -8.68
N VAL A 70 -15.02 1.50 -8.32
CA VAL A 70 -14.19 0.30 -8.24
C VAL A 70 -14.74 -0.56 -7.12
N GLN A 71 -14.67 -1.88 -7.31
CA GLN A 71 -15.20 -2.84 -6.34
C GLN A 71 -14.12 -3.45 -5.47
N LYS A 72 -12.86 -3.31 -5.90
CA LYS A 72 -11.72 -3.82 -5.14
C LYS A 72 -10.55 -2.87 -5.34
N VAL A 73 -9.71 -2.73 -4.32
CA VAL A 73 -8.54 -1.87 -4.42
C VAL A 73 -7.27 -2.61 -4.03
N LEU A 74 -6.30 -2.63 -4.95
CA LEU A 74 -5.02 -3.25 -4.67
C LEU A 74 -3.96 -2.15 -4.67
N PHE A 75 -3.14 -2.12 -3.64
CA PHE A 75 -2.11 -1.11 -3.53
C PHE A 75 -0.73 -1.74 -3.66
N SER A 76 0.14 -1.10 -4.44
CA SER A 76 1.49 -1.58 -4.63
C SER A 76 2.49 -0.45 -4.42
N GLY A 77 3.53 -0.73 -3.65
CA GLY A 77 4.56 0.26 -3.40
C GLY A 77 5.69 -0.37 -2.62
N VAL A 78 6.59 0.48 -2.13
CA VAL A 78 7.72 0.05 -1.36
C VAL A 78 7.51 0.50 0.08
N ALA A 79 8.33 -0.01 0.99
CA ALA A 79 8.22 0.34 2.41
C ALA A 79 9.55 0.10 3.10
N GLY A 80 9.65 0.58 4.33
CA GLY A 80 10.87 0.40 5.10
C GLY A 80 10.68 -0.65 6.18
N SER A 81 11.67 -1.53 6.33
CA SER A 81 11.62 -2.60 7.32
C SER A 81 12.00 -2.13 8.71
N LEU A 82 11.31 -2.72 9.68
CA LEU A 82 11.48 -2.42 11.09
C LEU A 82 11.99 -3.66 11.79
N VAL A 83 11.95 -4.79 11.10
CA VAL A 83 12.43 -6.04 11.71
C VAL A 83 13.59 -6.68 10.96
N LYS A 84 14.48 -7.31 11.74
CA LYS A 84 15.66 -7.98 11.17
C LYS A 84 15.19 -9.00 10.14
N ASP A 85 14.06 -9.63 10.43
CA ASP A 85 13.48 -10.67 9.56
C ASP A 85 12.86 -10.18 8.20
N LEU A 86 12.85 -8.87 7.95
CA LEU A 86 12.28 -8.35 6.70
C LEU A 86 13.39 -7.64 5.90
N LYS A 87 13.82 -8.24 4.80
CA LYS A 87 14.93 -7.67 4.02
C LYS A 87 14.60 -6.98 2.70
N ILE A 88 15.55 -6.19 2.20
CA ILE A 88 15.37 -5.49 0.94
C ILE A 88 14.82 -6.42 -0.13
N ASN A 89 13.80 -5.97 -0.83
CA ASN A 89 13.15 -6.72 -1.90
C ASN A 89 12.12 -7.75 -1.41
N ASP A 90 12.13 -8.04 -0.12
CA ASP A 90 11.17 -8.97 0.49
C ASP A 90 9.77 -8.43 0.20
N LEU A 91 8.80 -9.32 0.07
CA LEU A 91 7.42 -8.91 -0.16
C LEU A 91 6.66 -9.07 1.14
N LEU A 92 5.67 -8.20 1.32
CA LEU A 92 4.86 -8.16 2.52
C LEU A 92 3.45 -7.71 2.20
N VAL A 93 2.47 -8.36 2.83
CA VAL A 93 1.08 -8.00 2.67
C VAL A 93 0.60 -7.60 4.07
N ALA A 94 0.05 -6.40 4.19
CA ALA A 94 -0.40 -5.90 5.48
C ALA A 94 -1.69 -6.56 5.94
N THR A 95 -1.69 -7.03 7.18
CA THR A 95 -2.90 -7.62 7.77
C THR A 95 -3.68 -6.50 8.45
N GLN A 96 -2.96 -5.61 9.13
CA GLN A 96 -3.54 -4.48 9.80
C GLN A 96 -2.63 -3.25 9.66
N LEU A 97 -3.24 -2.07 9.60
CA LEU A 97 -2.50 -0.84 9.44
C LEU A 97 -2.88 0.15 10.50
N VAL A 98 -1.92 0.99 10.85
CA VAL A 98 -2.10 2.00 11.88
C VAL A 98 -1.50 3.33 11.41
N GLN A 99 -2.03 4.43 11.91
CA GLN A 99 -1.49 5.76 11.60
C GLN A 99 -0.60 6.10 12.79
N HIS A 100 0.67 5.78 12.67
CA HIS A 100 1.61 5.97 13.75
C HIS A 100 1.88 7.38 14.23
N ASP A 101 1.46 8.39 13.47
CA ASP A 101 1.72 9.77 13.86
C ASP A 101 0.53 10.53 14.43
N VAL A 102 -0.54 9.81 14.76
CA VAL A 102 -1.71 10.43 15.37
C VAL A 102 -1.48 10.52 16.87
N ASP A 103 -1.58 11.73 17.40
CA ASP A 103 -1.35 11.93 18.83
C ASP A 103 -2.36 12.84 19.54
N LEU A 104 -3.30 12.20 20.22
CA LEU A 104 -4.29 12.91 21.02
C LEU A 104 -4.09 12.52 22.50
N SER A 105 -2.83 12.25 22.85
CA SER A 105 -2.44 11.86 24.20
C SER A 105 -2.85 12.92 25.23
N ALA A 106 -2.89 14.17 24.79
CA ALA A 106 -3.30 15.28 25.64
C ALA A 106 -4.70 15.03 26.23
N PHE A 107 -5.48 14.20 25.56
CA PHE A 107 -6.82 13.87 26.05
C PHE A 107 -6.84 12.48 26.63
N ASP A 108 -5.65 12.01 27.01
CA ASP A 108 -5.49 10.70 27.60
C ASP A 108 -5.97 9.56 26.72
N HIS A 109 -5.72 9.68 25.42
CA HIS A 109 -6.07 8.63 24.47
C HIS A 109 -4.77 7.90 24.10
N PRO A 110 -4.84 6.59 23.82
CA PRO A 110 -3.60 5.91 23.37
C PRO A 110 -3.15 6.46 21.99
N LEU A 111 -1.85 6.43 21.73
CA LEU A 111 -1.35 6.91 20.45
C LEU A 111 -1.94 6.10 19.29
N GLY A 112 -2.21 6.80 18.18
CA GLY A 112 -2.77 6.16 17.02
C GLY A 112 -4.27 6.17 17.02
N PHE A 113 -4.87 6.54 18.15
CA PHE A 113 -6.33 6.56 18.25
C PHE A 113 -6.99 7.91 17.98
N ILE A 114 -8.11 7.86 17.28
CA ILE A 114 -8.94 9.03 16.99
C ILE A 114 -10.36 8.66 17.37
N PRO A 115 -11.04 9.49 18.18
CA PRO A 115 -12.41 9.16 18.57
C PRO A 115 -13.30 8.84 17.36
N GLU A 116 -14.20 7.86 17.53
CA GLU A 116 -15.10 7.44 16.47
C GLU A 116 -14.36 6.64 15.43
N SER A 117 -13.15 6.23 15.77
CA SER A 117 -12.37 5.40 14.90
C SER A 117 -11.72 4.26 15.69
N ALA A 118 -10.68 3.66 15.14
CA ALA A 118 -9.99 2.56 15.77
C ALA A 118 -8.51 2.70 15.51
N ILE A 119 -7.68 2.07 16.33
CA ILE A 119 -6.24 2.14 16.14
C ILE A 119 -5.78 1.35 14.93
N PHE A 120 -6.28 0.13 14.77
CA PHE A 120 -5.89 -0.70 13.63
C PHE A 120 -6.99 -0.83 12.60
N ILE A 121 -6.58 -0.81 11.34
CA ILE A 121 -7.50 -0.95 10.23
C ILE A 121 -7.24 -2.29 9.58
N GLU A 122 -8.29 -3.09 9.39
CA GLU A 122 -8.13 -4.40 8.76
C GLU A 122 -8.24 -4.36 7.25
N THR A 123 -7.58 -5.32 6.59
CA THR A 123 -7.60 -5.45 5.15
C THR A 123 -8.46 -6.66 4.77
N SER A 124 -8.60 -6.89 3.46
CA SER A 124 -9.42 -7.99 2.94
C SER A 124 -8.89 -9.41 3.26
N GLY A 125 -9.75 -10.22 3.88
CA GLY A 125 -9.35 -11.58 4.20
C GLY A 125 -9.22 -12.43 2.95
N SER A 126 -10.13 -12.23 2.00
CA SER A 126 -10.10 -12.97 0.75
C SER A 126 -8.93 -12.58 -0.15
N LEU A 127 -8.58 -11.30 -0.18
CA LEU A 127 -7.47 -10.86 -1.02
C LEU A 127 -6.15 -11.31 -0.43
N ASN A 128 -6.04 -11.23 0.88
CA ASN A 128 -4.84 -11.67 1.55
C ASN A 128 -4.71 -13.17 1.42
N ALA A 129 -5.85 -13.87 1.38
CA ALA A 129 -5.84 -15.31 1.23
C ALA A 129 -5.27 -15.60 -0.16
N LEU A 130 -5.85 -14.93 -1.15
CA LEU A 130 -5.41 -15.07 -2.54
C LEU A 130 -3.94 -14.72 -2.75
N ALA A 131 -3.40 -13.83 -1.92
CA ALA A 131 -2.00 -13.46 -2.04
C ALA A 131 -1.10 -14.59 -1.54
N LYS A 132 -1.48 -15.21 -0.42
CA LYS A 132 -0.70 -16.32 0.14
C LYS A 132 -0.66 -17.51 -0.81
N LYS A 133 -1.79 -17.73 -1.47
CA LYS A 133 -1.97 -18.81 -2.43
C LYS A 133 -0.92 -18.64 -3.54
N ILE A 134 -1.10 -17.60 -4.34
CA ILE A 134 -0.17 -17.27 -5.41
C ILE A 134 1.26 -17.24 -4.91
N ALA A 135 1.47 -16.85 -3.66
CA ALA A 135 2.82 -16.79 -3.12
C ALA A 135 3.43 -18.18 -2.99
N ASN A 136 2.62 -19.18 -2.64
CA ASN A 136 3.12 -20.54 -2.51
C ASN A 136 3.35 -21.13 -3.89
N GLU A 137 2.34 -20.98 -4.74
CA GLU A 137 2.38 -21.45 -6.12
C GLU A 137 3.65 -21.04 -6.88
N GLN A 138 4.13 -19.82 -6.66
CA GLN A 138 5.29 -19.33 -7.38
C GLN A 138 6.58 -19.32 -6.57
N HIS A 139 6.55 -19.95 -5.41
CA HIS A 139 7.72 -20.05 -4.53
C HIS A 139 8.21 -18.71 -4.02
N ILE A 140 7.28 -17.81 -3.74
CA ILE A 140 7.63 -16.49 -3.22
C ILE A 140 7.42 -16.48 -1.72
N ALA A 141 8.45 -16.08 -0.96
CA ALA A 141 8.38 -16.01 0.49
C ALA A 141 7.60 -14.78 0.95
N LEU A 142 6.28 -14.83 0.82
CA LEU A 142 5.43 -13.71 1.21
C LEU A 142 5.28 -13.65 2.72
N LYS A 143 5.52 -12.47 3.27
CA LYS A 143 5.43 -12.25 4.70
C LYS A 143 4.13 -11.52 5.02
N GLU A 144 3.75 -11.56 6.29
CA GLU A 144 2.54 -10.89 6.75
C GLU A 144 2.88 -10.02 7.93
N GLY A 145 2.15 -8.92 8.09
CA GLY A 145 2.42 -8.08 9.23
C GLY A 145 1.64 -6.80 9.30
N VAL A 146 1.90 -6.08 10.38
CA VAL A 146 1.26 -4.81 10.61
C VAL A 146 2.13 -3.73 9.95
N ILE A 147 1.49 -2.79 9.27
CA ILE A 147 2.21 -1.70 8.64
C ILE A 147 1.80 -0.39 9.30
N ALA A 148 2.80 0.44 9.58
CA ALA A 148 2.59 1.76 10.19
C ALA A 148 2.78 2.83 9.10
N SER A 149 1.79 3.72 9.00
CA SER A 149 1.79 4.80 8.01
C SER A 149 1.76 6.16 8.69
N GLY A 150 2.59 7.07 8.20
CA GLY A 150 2.64 8.40 8.76
C GLY A 150 3.17 9.32 7.68
N ASP A 151 3.05 10.61 7.90
CA ASP A 151 3.52 11.61 6.94
C ASP A 151 5.00 12.00 7.13
N GLN A 152 5.78 11.06 7.64
CA GLN A 152 7.22 11.29 7.81
C GLN A 152 7.98 10.10 7.22
N PHE A 153 9.07 10.39 6.50
CA PHE A 153 9.90 9.32 5.97
C PHE A 153 10.81 8.96 7.15
N VAL A 154 10.71 7.71 7.60
CA VAL A 154 11.45 7.25 8.78
C VAL A 154 12.92 6.89 8.52
N HIS A 155 13.81 7.60 9.21
CA HIS A 155 15.25 7.40 9.07
C HIS A 155 16.01 7.60 10.39
N SER A 156 15.66 6.80 11.39
CA SER A 156 16.33 6.87 12.67
C SER A 156 15.96 5.64 13.49
N LYS A 157 16.96 4.96 14.04
CA LYS A 157 16.71 3.76 14.84
C LYS A 157 15.72 4.11 15.96
N GLU A 158 15.80 5.33 16.45
CA GLU A 158 14.93 5.81 17.53
C GLU A 158 13.44 5.66 17.16
N ARG A 159 13.03 6.25 16.04
CA ARG A 159 11.64 6.16 15.61
C ARG A 159 11.27 4.70 15.33
N LYS A 160 12.20 3.97 14.72
CA LYS A 160 11.99 2.55 14.42
C LYS A 160 11.60 1.79 15.68
N GLU A 161 12.36 2.01 16.75
CA GLU A 161 12.12 1.32 18.01
C GLU A 161 10.70 1.61 18.50
N PHE A 162 10.34 2.88 18.48
CA PHE A 162 9.03 3.31 18.93
C PHE A 162 7.91 2.61 18.17
N LEU A 163 8.04 2.52 16.85
CA LEU A 163 7.02 1.87 16.02
C LEU A 163 6.82 0.41 16.32
N VAL A 164 7.91 -0.31 16.59
CA VAL A 164 7.85 -1.74 16.89
C VAL A 164 7.24 -2.01 18.26
N SER A 165 7.63 -1.22 19.26
CA SER A 165 7.13 -1.41 20.61
C SER A 165 5.71 -0.94 20.79
N GLU A 166 5.42 0.26 20.31
CA GLU A 166 4.09 0.83 20.44
C GLU A 166 3.05 0.08 19.62
N PHE A 167 3.39 -0.20 18.37
CA PHE A 167 2.43 -0.85 17.47
C PHE A 167 2.78 -2.25 16.94
N LYS A 168 3.91 -2.83 17.34
CA LYS A 168 4.29 -4.14 16.80
C LYS A 168 4.23 -4.13 15.27
N ALA A 169 4.75 -3.05 14.67
CA ALA A 169 4.75 -2.90 13.23
C ALA A 169 5.93 -3.61 12.59
N SER A 170 5.71 -4.19 11.42
CA SER A 170 6.78 -4.87 10.69
C SER A 170 7.40 -3.98 9.61
N ALA A 171 6.63 -2.99 9.14
CA ALA A 171 7.12 -2.10 8.10
C ALA A 171 6.46 -0.74 8.20
N VAL A 172 7.13 0.28 7.65
CA VAL A 172 6.60 1.63 7.70
C VAL A 172 6.54 2.24 6.31
N GLU A 173 5.47 2.98 6.04
CA GLU A 173 5.30 3.65 4.77
C GLU A 173 4.45 4.88 4.97
N MET A 174 4.01 5.50 3.89
CA MET A 174 3.29 6.76 4.01
C MET A 174 1.85 6.84 3.46
N GLU A 175 1.28 5.73 3.00
CA GLU A 175 -0.06 5.76 2.45
C GLU A 175 -0.95 4.55 2.79
N GLY A 176 -0.36 3.46 3.22
CA GLY A 176 -1.15 2.27 3.49
C GLY A 176 -2.40 2.47 4.33
N ALA A 177 -2.23 2.96 5.55
CA ALA A 177 -3.33 3.15 6.47
C ALA A 177 -4.47 4.01 5.91
N SER A 178 -4.12 5.10 5.25
CA SER A 178 -5.13 5.97 4.70
C SER A 178 -5.92 5.28 3.58
N VAL A 179 -5.25 4.52 2.72
CA VAL A 179 -5.98 3.82 1.65
C VAL A 179 -6.94 2.77 2.21
N ALA A 180 -6.46 1.97 3.16
CA ALA A 180 -7.27 0.92 3.81
C ALA A 180 -8.47 1.50 4.58
N PHE A 181 -8.25 2.63 5.24
CA PHE A 181 -9.29 3.32 6.00
C PHE A 181 -10.45 3.75 5.10
N VAL A 182 -10.14 4.41 3.98
CA VAL A 182 -11.17 4.86 3.05
C VAL A 182 -11.95 3.68 2.50
N CYS A 183 -11.24 2.63 2.11
CA CYS A 183 -11.90 1.45 1.58
C CYS A 183 -12.83 0.85 2.63
N GLN A 184 -12.41 0.85 3.89
CA GLN A 184 -13.24 0.30 4.95
C GLN A 184 -14.56 1.09 5.06
N LYS A 185 -14.48 2.42 5.03
CA LYS A 185 -15.68 3.27 5.14
C LYS A 185 -16.67 3.09 4.01
N PHE A 186 -16.20 2.59 2.88
CA PHE A 186 -17.08 2.40 1.74
C PHE A 186 -17.39 0.91 1.52
N GLY A 187 -16.83 0.05 2.36
CA GLY A 187 -17.09 -1.39 2.23
C GLY A 187 -16.45 -1.99 1.00
N VAL A 188 -15.28 -1.48 0.66
CA VAL A 188 -14.56 -1.97 -0.51
C VAL A 188 -13.39 -2.82 -0.02
N PRO A 189 -13.26 -4.06 -0.51
CA PRO A 189 -12.13 -4.88 -0.03
C PRO A 189 -10.81 -4.28 -0.51
N CYS A 190 -9.83 -4.25 0.38
CA CYS A 190 -8.53 -3.67 0.07
C CYS A 190 -7.35 -4.59 0.39
N CYS A 191 -6.33 -4.55 -0.46
CA CYS A 191 -5.11 -5.32 -0.25
C CYS A 191 -3.89 -4.39 -0.36
N VAL A 192 -3.02 -4.39 0.66
CA VAL A 192 -1.84 -3.53 0.65
C VAL A 192 -0.55 -4.34 0.56
N LEU A 193 0.07 -4.33 -0.63
CA LEU A 193 1.33 -5.03 -0.88
C LEU A 193 2.50 -4.07 -0.86
N ARG A 194 3.59 -4.45 -0.20
CA ARG A 194 4.78 -3.61 -0.17
C ARG A 194 6.06 -4.45 -0.30
N SER A 195 7.07 -3.89 -0.96
CA SER A 195 8.37 -4.55 -1.08
C SER A 195 9.35 -3.66 -0.34
N ILE A 196 10.27 -4.25 0.41
CA ILE A 196 11.22 -3.49 1.21
C ILE A 196 12.24 -2.76 0.34
N SER A 197 12.43 -1.47 0.60
CA SER A 197 13.38 -0.68 -0.16
C SER A 197 14.50 -0.16 0.71
N ASP A 198 14.33 -0.29 2.03
CA ASP A 198 15.32 0.20 2.98
C ASP A 198 14.99 -0.31 4.36
N ASN A 199 15.80 0.09 5.34
CA ASN A 199 15.61 -0.35 6.72
C ASN A 199 15.24 0.78 7.70
N ALA A 200 14.63 1.83 7.17
CA ALA A 200 14.17 2.95 8.00
C ALA A 200 15.18 3.47 9.01
N ASP A 201 16.46 3.38 8.68
CA ASP A 201 17.51 3.87 9.58
C ASP A 201 18.14 5.14 9.01
N GLU A 202 19.29 5.52 9.55
CA GLU A 202 19.96 6.73 9.12
C GLU A 202 20.33 6.69 7.64
N LYS A 203 20.56 5.48 7.13
CA LYS A 203 20.94 5.30 5.74
C LYS A 203 19.72 5.04 4.84
N ALA A 204 18.52 5.17 5.40
CA ALA A 204 17.30 4.90 4.65
C ALA A 204 17.18 5.68 3.34
N GLY A 205 17.51 6.97 3.35
CA GLY A 205 17.40 7.76 2.15
C GLY A 205 18.29 7.23 1.03
N MET A 206 19.47 6.74 1.38
CA MET A 206 20.41 6.22 0.41
C MET A 206 19.88 4.94 -0.22
N SER A 207 19.56 3.97 0.64
CA SER A 207 19.06 2.69 0.17
C SER A 207 17.82 2.85 -0.69
N PHE A 208 16.90 3.73 -0.27
CA PHE A 208 15.67 3.96 -1.02
C PHE A 208 15.93 4.33 -2.47
N ASP A 209 16.81 5.29 -2.71
CA ASP A 209 17.12 5.72 -4.07
C ASP A 209 17.72 4.58 -4.89
N GLU A 210 18.54 3.75 -4.24
CA GLU A 210 19.17 2.63 -4.91
C GLU A 210 18.21 1.51 -5.34
N PHE A 211 17.28 1.14 -4.45
CA PHE A 211 16.34 0.06 -4.74
C PHE A 211 14.92 0.41 -5.17
N LEU A 212 14.58 1.70 -5.23
CA LEU A 212 13.23 2.10 -5.61
C LEU A 212 12.68 1.32 -6.81
N GLU A 213 13.37 1.40 -7.94
CA GLU A 213 12.91 0.73 -9.14
C GLU A 213 12.80 -0.80 -9.03
N LYS A 214 13.81 -1.45 -8.46
CA LYS A 214 13.76 -2.90 -8.32
C LYS A 214 12.55 -3.28 -7.48
N SER A 215 12.54 -2.83 -6.24
CA SER A 215 11.44 -3.09 -5.30
C SER A 215 10.08 -2.81 -5.94
N ALA A 216 9.98 -1.68 -6.64
CA ALA A 216 8.72 -1.32 -7.27
C ALA A 216 8.25 -2.36 -8.29
N HIS A 217 9.19 -2.94 -9.04
CA HIS A 217 8.86 -3.94 -10.05
C HIS A 217 8.47 -5.28 -9.41
N THR A 218 9.18 -5.70 -8.37
CA THR A 218 8.83 -6.95 -7.69
C THR A 218 7.37 -6.87 -7.22
N SER A 219 7.03 -5.80 -6.54
CA SER A 219 5.68 -5.57 -6.03
C SER A 219 4.67 -5.53 -7.18
N ALA A 220 5.00 -4.79 -8.23
CA ALA A 220 4.09 -4.68 -9.38
C ALA A 220 3.85 -6.03 -10.03
N LYS A 221 4.91 -6.82 -10.12
CA LYS A 221 4.84 -8.15 -10.73
C LYS A 221 3.83 -9.02 -9.98
N PHE A 222 3.99 -9.07 -8.67
CA PHE A 222 3.11 -9.87 -7.85
C PHE A 222 1.67 -9.40 -7.97
N LEU A 223 1.46 -8.09 -7.88
CA LEU A 223 0.11 -7.55 -7.98
C LEU A 223 -0.57 -7.98 -9.26
N LYS A 224 0.19 -8.11 -10.34
CA LYS A 224 -0.38 -8.50 -11.62
C LYS A 224 -0.81 -9.96 -11.59
N SER A 225 -0.01 -10.79 -10.92
CA SER A 225 -0.33 -12.22 -10.78
C SER A 225 -1.69 -12.35 -10.08
N MET A 226 -1.95 -11.46 -9.12
CA MET A 226 -3.21 -11.48 -8.38
C MET A 226 -4.39 -11.15 -9.27
N VAL A 227 -4.23 -10.12 -10.10
CA VAL A 227 -5.31 -9.69 -11.00
C VAL A 227 -5.61 -10.77 -12.05
N ASP A 228 -4.60 -11.57 -12.41
CA ASP A 228 -4.79 -12.64 -13.38
C ASP A 228 -5.73 -13.72 -12.81
N GLU A 229 -5.85 -13.77 -11.49
CA GLU A 229 -6.67 -14.79 -10.82
C GLU A 229 -8.06 -14.31 -10.42
N LEU A 230 -8.26 -13.00 -10.41
CA LEU A 230 -9.56 -12.43 -10.04
C LEU A 230 -10.64 -12.69 -11.08
C1 2WP B . 6.85 4.75 -0.39
O1 2WP B . 5.81 4.48 -1.35
C2 2WP B . 6.25 5.61 0.81
O2 2WP B . 5.02 5.18 1.25
C3 2WP B . 6.27 7.00 0.19
O3 2WP B . 5.26 7.24 -0.77
C4 2WP B . 7.61 6.99 -0.64
O4 2WP B . 7.80 5.62 -1.02
C5 2WP B . 8.79 7.48 0.20
N 2WP B . 12.56 10.17 -2.68
CA 2WP B . 11.23 10.77 -3.02
CB 2WP B . 10.31 10.72 -1.77
CG 2WP B . 9.80 9.31 -1.54
SD 2WP B . 8.97 9.32 0.11
C 2WP B . 11.41 12.29 -3.37
O 2WP B . 12.38 12.86 -2.83
OXT 2WP B . 10.57 12.80 -4.14
H1 2WP B . 7.27 3.93 -0.08
DO1 2WP B . 6.09 3.93 -1.90
H2 2WP B . 6.88 5.55 1.57
DO2 2WP B . 4.47 5.27 0.65
H3 2WP B . 6.22 7.70 0.91
DO3 2WP B . 4.54 6.99 -0.47
H4 2WP B . 7.47 7.54 -1.45
H51 2WP B . 9.61 7.04 -0.09
H52 2WP B . 8.63 7.25 1.13
D10 2WP B . 13.11 10.23 -3.39
D11 2WP B . 12.46 9.30 -2.47
H13 2WP B . 10.85 10.29 -3.79
H14 2WP B . 10.80 11.03 -1.00
H15 2WP B . 9.56 11.34 -1.91
H16 2WP B . 10.54 8.69 -1.56
H17 2WP B . 9.17 9.07 -2.25
DC 2WP B . 12.92 10.60 -1.98
N9 ADE C . 8.76 4.11 2.43
C8 ADE C . 9.89 3.39 2.19
N7 ADE C . 10.76 3.47 3.17
C5 ADE C . 10.18 4.29 4.10
C6 ADE C . 10.62 4.77 5.35
N6 ADE C . 11.82 4.43 5.88
N1 ADE C . 9.79 5.62 6.08
C2 ADE C . 8.59 5.94 5.52
N3 ADE C . 8.08 5.55 4.35
C4 ADE C . 8.93 4.72 3.66
DN9 ADE C . 8.08 4.18 1.91
H8 ADE C . 10.01 2.89 1.43
DN61 ADE C . 12.05 4.74 6.66
DN62 ADE C . 12.34 3.90 5.45
H2 ADE C . 8.06 6.51 6.03
D D8U D . 11.80 2.14 3.57
#